data_5DG0
#
_entry.id   5DG0
#
_cell.length_a   44.365
_cell.length_b   60.601
_cell.length_c   73.316
_cell.angle_alpha   83.12
_cell.angle_beta   80.68
_cell.angle_gamma   89.04
#
_symmetry.space_group_name_H-M   'P 1'
#
loop_
_entity.id
_entity.type
_entity.pdbx_description
1 polymer 'DNA-(apurinic or apyrimidinic site) lyase'
2 polymer "DNA (5'-D(*GP*CP*TP*GP*AP*TP*GP*CP*GP*(OMC)P*(48Z)P*CP*GP*AP*CP*GP*GP*AP*TP*CP*C)-3')"
3 polymer "DNA (5'-D(*GP*GP*AP*TP*CP*CP*GP*TP*CP*GP*GP*GP*CP*GP*CP*AP*TP*CP*AP*GP*C)-3')"
4 non-polymer 'MANGANESE (II) ION'
5 non-polymer 1,2-ETHANEDIOL
6 non-polymer 'CHLORIDE ION'
7 water water
#
loop_
_entity_poly.entity_id
_entity_poly.type
_entity_poly.pdbx_seq_one_letter_code
_entity_poly.pdbx_strand_id
1 'polypeptide(L)'
;ALYEDPPDQKTSPSGKPATLKICSWNVDGLRAWIKKKGLDWVKEEAPDILCLQETKCSENKLPAELQELPGLSHQYWSAP
SDKEGYSGVGLLSRQCPLKVSYGIGDEEHDQEGRVIVAEFDSFVLVTAYVPNAGRGLVRLEYRQRWDEAFRKFLKGLASR
KPLVLCGDLNVAHEEIDLRNPKGNKKNAGFTPQERQGFGELLQAVPLADSFRHLYPNTPYAYTFWTYMMNARSKNVGWRL
DYFLLSHSLLPALCDSKIRSKALGSDHCPITLYLAL
;
A,B
2 'polydeoxyribonucleotide'
;(DG)(DC)(DT)(DG)(DA)(DT)(DG)(DC)(DG)(OMC)(48Z)(DC)(DG)(DA)(DC)(DG)(DG)(DA)(DT)
(DC)(DC)
;
P
3 'polydeoxyribonucleotide'
;(DG)(DG)(DA)(DT)(DC)(DC)(DG)(DT)(DC)(DG)(DG)(DG)(DC)(DG)(DC)(DA)(DT)(DC)(DA)(DG)
(DC)
;
V
#
# COMPACT_ATOMS: atom_id res chain seq x y z
N ALA A 1 -11.88 38.50 14.02
CA ALA A 1 -12.73 38.96 12.94
C ALA A 1 -13.02 37.81 11.98
N LEU A 2 -14.14 37.95 11.26
CA LEU A 2 -14.55 36.98 10.26
C LEU A 2 -13.77 37.16 8.97
N TYR A 3 -13.80 36.13 8.14
CA TYR A 3 -12.98 36.05 6.95
C TYR A 3 -13.80 35.60 5.75
N GLU A 4 -13.57 36.29 4.65
CA GLU A 4 -14.12 35.96 3.34
C GLU A 4 -12.98 35.76 2.35
N ASP A 5 -12.80 34.51 1.95
CA ASP A 5 -11.79 34.15 0.98
C ASP A 5 -12.07 34.91 -0.32
N PRO A 6 -11.06 35.52 -0.91
CA PRO A 6 -11.33 36.25 -2.15
C PRO A 6 -11.66 35.32 -3.32
N PRO A 7 -12.14 35.89 -4.44
CA PRO A 7 -12.53 35.09 -5.61
C PRO A 7 -11.40 34.26 -6.17
N ASP A 8 -11.75 33.12 -6.77
CA ASP A 8 -10.77 32.25 -7.42
C ASP A 8 -10.07 32.95 -8.58
N GLN A 9 -8.74 32.99 -8.54
CA GLN A 9 -7.94 33.52 -9.63
C GLN A 9 -7.65 32.23 -10.41
N LYS A 10 -7.88 32.21 -11.72
CA LYS A 10 -7.68 30.98 -12.46
C LYS A 10 -6.70 31.15 -13.60
N THR A 11 -5.89 32.21 -13.54
CA THR A 11 -4.83 32.38 -14.53
CA THR A 11 -4.85 32.45 -14.53
C THR A 11 -3.54 32.74 -13.81
N SER A 12 -2.43 32.25 -14.34
CA SER A 12 -1.13 32.43 -13.72
C SER A 12 -0.58 33.84 -13.98
N PRO A 13 0.53 34.20 -13.32
CA PRO A 13 1.12 35.52 -13.54
C PRO A 13 1.36 35.88 -15.03
N SER A 14 1.78 34.89 -15.82
CA SER A 14 2.05 35.06 -17.25
C SER A 14 0.82 34.87 -18.17
N GLY A 15 -0.34 34.64 -17.59
CA GLY A 15 -1.55 34.60 -18.37
C GLY A 15 -2.02 33.21 -18.79
N LYS A 16 -1.40 32.14 -18.27
CA LYS A 16 -1.84 30.78 -18.64
C LYS A 16 -2.98 30.32 -17.77
N PRO A 17 -3.99 29.69 -18.37
CA PRO A 17 -5.15 29.20 -17.64
C PRO A 17 -4.81 28.02 -16.75
N ALA A 18 -5.41 27.99 -15.57
CA ALA A 18 -5.34 26.83 -14.70
C ALA A 18 -5.80 25.59 -15.43
N THR A 19 -5.06 24.50 -15.28
CA THR A 19 -5.40 23.22 -15.86
C THR A 19 -5.56 22.11 -14.83
N LEU A 20 -5.19 22.41 -13.58
CA LEU A 20 -5.18 21.42 -12.51
C LEU A 20 -5.70 22.05 -11.23
N LYS A 21 -6.70 21.37 -10.66
CA LYS A 21 -7.31 21.76 -9.42
C LYS A 21 -7.12 20.63 -8.41
N ILE A 22 -6.42 20.94 -7.33
CA ILE A 22 -6.18 20.00 -6.23
C ILE A 22 -6.92 20.49 -4.98
N CYS A 23 -7.63 19.59 -4.34
CA CYS A 23 -8.32 19.91 -3.11
C CYS A 23 -7.77 19.03 -1.99
N SER A 24 -7.54 19.61 -0.81
CA SER A 24 -7.05 18.85 0.34
C SER A 24 -7.95 19.13 1.53
N TRP A 25 -8.27 18.09 2.26
CA TRP A 25 -9.23 18.21 3.37
C TRP A 25 -8.95 17.17 4.47
N ASN A 26 -8.71 17.68 5.67
CA ASN A 26 -8.72 16.85 6.85
C ASN A 26 -10.16 16.63 7.24
N VAL A 27 -10.66 15.41 7.00
CA VAL A 27 -12.09 15.14 7.14
C VAL A 27 -12.49 14.71 8.55
N ASP A 28 -11.52 14.51 9.45
CA ASP A 28 -11.85 14.17 10.84
C ASP A 28 -12.84 13.01 10.92
N GLY A 29 -12.49 11.89 10.32
CA GLY A 29 -13.34 10.73 10.30
C GLY A 29 -14.13 10.66 9.00
N LEU A 30 -13.63 9.84 8.10
CA LEU A 30 -14.17 9.79 6.74
C LEU A 30 -15.63 9.34 6.70
N ARG A 31 -15.96 8.33 7.48
CA ARG A 31 -17.34 7.83 7.49
C ARG A 31 -18.31 8.90 8.04
N ALA A 32 -17.89 9.63 9.07
CA ALA A 32 -18.71 10.70 9.63
C ALA A 32 -18.87 11.82 8.62
N TRP A 33 -17.75 12.17 8.00
CA TRP A 33 -17.70 13.23 7.02
C TRP A 33 -18.64 12.94 5.84
N ILE A 34 -18.67 11.69 5.38
CA ILE A 34 -19.56 11.34 4.30
C ILE A 34 -21.03 11.47 4.75
N LYS A 35 -21.33 11.03 5.97
CA LYS A 35 -22.68 11.19 6.52
C LYS A 35 -23.08 12.65 6.66
N LYS A 36 -22.09 13.51 6.89
CA LYS A 36 -22.34 14.95 6.94
C LYS A 36 -22.23 15.64 5.56
N LYS A 37 -22.31 14.86 4.47
CA LYS A 37 -22.43 15.36 3.09
C LYS A 37 -21.15 15.93 2.51
N GLY A 38 -20.01 15.54 3.06
CA GLY A 38 -18.74 16.07 2.59
C GLY A 38 -18.51 15.77 1.12
N LEU A 39 -18.99 14.62 0.65
CA LEU A 39 -18.76 14.24 -0.75
C LEU A 39 -19.61 15.06 -1.70
N ASP A 40 -20.77 15.51 -1.23
CA ASP A 40 -21.58 16.41 -2.02
C ASP A 40 -20.78 17.68 -2.30
N TRP A 41 -20.08 18.16 -1.28
CA TRP A 41 -19.26 19.36 -1.46
C TRP A 41 -18.15 19.10 -2.46
N VAL A 42 -17.51 17.95 -2.34
CA VAL A 42 -16.44 17.54 -3.25
C VAL A 42 -16.91 17.54 -4.70
N LYS A 43 -18.09 16.97 -4.94
CA LYS A 43 -18.63 16.95 -6.30
C LYS A 43 -18.84 18.35 -6.84
N GLU A 44 -19.27 19.29 -5.99
CA GLU A 44 -19.44 20.67 -6.39
C GLU A 44 -18.10 21.34 -6.75
N GLU A 45 -17.06 20.95 -6.04
CA GLU A 45 -15.76 21.55 -6.21
C GLU A 45 -15.07 20.96 -7.44
N ALA A 46 -15.38 19.71 -7.75
CA ALA A 46 -14.87 19.02 -8.93
C ALA A 46 -13.35 19.17 -9.11
N PRO A 47 -12.58 18.80 -8.08
CA PRO A 47 -11.12 18.81 -8.24
C PRO A 47 -10.63 17.68 -9.13
N ASP A 48 -9.47 17.87 -9.73
CA ASP A 48 -8.77 16.79 -10.44
C ASP A 48 -8.15 15.77 -9.50
N ILE A 49 -7.71 16.26 -8.35
CA ILE A 49 -7.06 15.43 -7.34
C ILE A 49 -7.62 15.85 -5.98
N LEU A 50 -8.00 14.88 -5.16
CA LEU A 50 -8.50 15.10 -3.81
C LEU A 50 -7.60 14.35 -2.84
N CYS A 51 -7.04 15.09 -1.88
CA CYS A 51 -6.23 14.52 -0.81
C CYS A 51 -6.98 14.63 0.50
N LEU A 52 -7.04 13.52 1.23
CA LEU A 52 -7.82 13.45 2.46
C LEU A 52 -6.93 13.04 3.64
N GLN A 53 -7.10 13.70 4.78
CA GLN A 53 -6.39 13.34 5.99
C GLN A 53 -7.31 13.01 7.13
N GLU A 54 -6.77 12.20 8.05
CA GLU A 54 -7.50 11.74 9.23
C GLU A 54 -8.77 11.02 8.81
N THR A 55 -8.61 10.06 7.91
CA THR A 55 -9.73 9.28 7.43
C THR A 55 -10.25 8.37 8.55
N LYS A 56 -9.39 7.95 9.47
CA LYS A 56 -9.80 7.06 10.56
C LYS A 56 -10.61 5.89 10.02
N CYS A 57 -10.12 5.27 8.95
CA CYS A 57 -10.89 4.29 8.22
C CYS A 57 -9.97 3.35 7.43
N SER A 58 -9.98 2.06 7.76
CA SER A 58 -9.27 1.08 6.94
C SER A 58 -9.99 0.93 5.62
N GLU A 59 -9.30 0.41 4.62
CA GLU A 59 -9.82 0.45 3.26
C GLU A 59 -11.04 -0.45 3.09
N ASN A 60 -11.10 -1.53 3.87
CA ASN A 60 -12.25 -2.43 3.82
C ASN A 60 -13.55 -1.79 4.32
N LYS A 61 -13.41 -0.69 5.08
CA LYS A 61 -14.55 0.03 5.67
C LYS A 61 -14.97 1.29 4.90
N LEU A 62 -14.38 1.51 3.73
CA LEU A 62 -14.73 2.68 2.92
C LEU A 62 -16.18 2.59 2.49
N PRO A 63 -16.95 3.66 2.71
CA PRO A 63 -18.34 3.67 2.23
C PRO A 63 -18.47 3.51 0.71
N ALA A 64 -19.55 2.87 0.26
CA ALA A 64 -19.74 2.60 -1.16
C ALA A 64 -19.79 3.87 -2.00
N GLU A 65 -20.20 4.98 -1.38
CA GLU A 65 -20.30 6.25 -2.08
C GLU A 65 -18.98 6.60 -2.77
N LEU A 66 -17.88 6.16 -2.18
CA LEU A 66 -16.55 6.43 -2.73
C LEU A 66 -16.29 5.66 -4.00
N GLN A 67 -17.10 4.64 -4.26
CA GLN A 67 -17.00 3.86 -5.50
C GLN A 67 -17.73 4.54 -6.65
N GLU A 68 -18.60 5.49 -6.31
CA GLU A 68 -19.41 6.16 -7.31
C GLU A 68 -18.88 7.56 -7.58
N LEU A 69 -17.57 7.64 -7.79
CA LEU A 69 -16.91 8.90 -8.16
C LEU A 69 -16.16 8.69 -9.46
N PRO A 70 -16.87 8.75 -10.60
CA PRO A 70 -16.27 8.49 -11.92
C PRO A 70 -15.13 9.46 -12.28
N GLY A 71 -15.16 10.69 -11.75
CA GLY A 71 -14.12 11.66 -12.04
C GLY A 71 -12.92 11.58 -11.10
N LEU A 72 -12.99 10.71 -10.10
CA LEU A 72 -11.88 10.49 -9.17
C LEU A 72 -11.67 9.02 -8.96
N SER A 73 -11.39 8.31 -10.04
CA SER A 73 -11.54 6.86 -10.03
C SER A 73 -10.27 6.14 -9.63
N HIS A 74 -9.16 6.84 -9.61
CA HIS A 74 -7.91 6.25 -9.16
C HIS A 74 -7.68 6.65 -7.71
N GLN A 75 -7.85 5.69 -6.82
CA GLN A 75 -7.86 5.96 -5.39
C GLN A 75 -6.83 5.13 -4.63
N TYR A 76 -6.16 5.80 -3.70
CA TYR A 76 -5.07 5.21 -2.92
C TYR A 76 -5.33 5.55 -1.46
N TRP A 77 -5.27 4.53 -0.62
CA TRP A 77 -5.62 4.67 0.79
C TRP A 77 -4.58 4.10 1.70
N SER A 78 -4.33 4.78 2.80
CA SER A 78 -3.37 4.30 3.77
C SER A 78 -3.93 4.47 5.18
N ALA A 79 -3.76 3.45 6.02
CA ALA A 79 -4.15 3.56 7.42
C ALA A 79 -3.09 2.86 8.28
N PRO A 80 -2.94 3.29 9.56
CA PRO A 80 -1.88 2.70 10.40
C PRO A 80 -2.22 1.26 10.80
N SER A 81 -1.21 0.42 11.00
CA SER A 81 -1.46 -0.99 11.25
C SER A 81 -1.95 -1.22 12.69
N ASP A 82 -1.42 -0.49 13.65
CA ASP A 82 -1.72 -0.80 15.05
C ASP A 82 -2.44 0.34 15.79
N LYS A 83 -3.01 1.26 15.04
CA LYS A 83 -3.80 2.35 15.61
C LYS A 83 -4.97 2.73 14.68
N GLU A 84 -5.76 1.73 14.29
CA GLU A 84 -6.93 1.96 13.44
C GLU A 84 -7.95 2.85 14.18
N GLY A 85 -8.54 3.80 13.45
CA GLY A 85 -9.43 4.78 14.05
C GLY A 85 -8.70 6.09 14.31
N TYR A 86 -7.41 6.08 14.03
CA TYR A 86 -6.57 7.28 14.10
C TYR A 86 -5.86 7.41 12.76
N SER A 87 -5.33 8.59 12.49
CA SER A 87 -4.60 8.81 11.26
C SER A 87 -5.40 8.35 10.03
N GLY A 88 -4.70 7.97 8.98
CA GLY A 88 -5.32 7.53 7.76
C GLY A 88 -5.34 8.67 6.78
N VAL A 89 -4.81 8.41 5.60
CA VAL A 89 -4.85 9.36 4.49
C VAL A 89 -5.29 8.69 3.21
N GLY A 90 -5.68 9.53 2.25
CA GLY A 90 -6.21 9.09 0.99
C GLY A 90 -5.87 10.05 -0.12
N LEU A 91 -5.69 9.52 -1.32
CA LEU A 91 -5.45 10.33 -2.50
C LEU A 91 -6.32 9.77 -3.62
N LEU A 92 -7.14 10.62 -4.21
CA LEU A 92 -8.07 10.23 -5.25
C LEU A 92 -7.79 11.13 -6.44
N SER A 93 -7.74 10.55 -7.64
CA SER A 93 -7.27 11.31 -8.81
C SER A 93 -8.02 10.98 -10.09
N ARG A 94 -8.30 12.01 -10.87
CA ARG A 94 -8.93 11.84 -12.17
C ARG A 94 -8.09 11.00 -13.10
N GLN A 95 -6.82 11.37 -13.22
CA GLN A 95 -5.87 10.63 -14.05
C GLN A 95 -5.01 9.70 -13.22
N CYS A 96 -4.50 8.64 -13.83
CA CYS A 96 -3.71 7.67 -13.08
C CYS A 96 -2.30 8.21 -12.85
N PRO A 97 -1.83 8.20 -11.59
CA PRO A 97 -0.44 8.55 -11.35
C PRO A 97 0.53 7.59 -12.01
N LEU A 98 1.75 8.03 -12.22
CA LEU A 98 2.79 7.17 -12.76
C LEU A 98 3.31 6.23 -11.72
N LYS A 99 3.46 6.74 -10.50
CA LYS A 99 3.95 5.96 -9.37
C LYS A 99 3.21 6.38 -8.12
N VAL A 100 3.00 5.44 -7.21
CA VAL A 100 2.44 5.73 -5.89
C VAL A 100 3.25 5.00 -4.83
N SER A 101 3.51 5.67 -3.71
CA SER A 101 4.18 5.05 -2.58
C SER A 101 3.64 5.64 -1.28
N TYR A 102 3.97 4.97 -0.18
CA TYR A 102 3.40 5.27 1.14
C TYR A 102 4.51 5.47 2.15
N GLY A 103 4.33 6.45 3.02
CA GLY A 103 5.25 6.71 4.09
C GLY A 103 6.47 7.50 3.69
N ILE A 104 7.41 7.61 4.62
CA ILE A 104 8.57 8.48 4.40
C ILE A 104 9.90 7.72 4.42
N GLY A 105 9.86 6.42 4.19
CA GLY A 105 11.08 5.65 4.03
C GLY A 105 11.04 4.20 4.51
N ASP A 106 10.28 3.92 5.56
CA ASP A 106 10.20 2.57 6.10
C ASP A 106 8.76 2.18 6.50
N GLU A 107 7.78 2.61 5.70
CA GLU A 107 6.36 2.33 5.97
C GLU A 107 6.12 0.83 6.13
N GLU A 108 6.91 0.02 5.41
CA GLU A 108 6.67 -1.42 5.44
C GLU A 108 6.85 -1.98 6.84
N HIS A 109 7.70 -1.33 7.65
CA HIS A 109 7.88 -1.74 9.06
C HIS A 109 7.19 -0.76 10.01
N ASP A 110 7.17 0.52 9.64
CA ASP A 110 6.49 1.57 10.42
C ASP A 110 5.20 1.96 9.73
N GLN A 111 4.21 1.10 9.74
CA GLN A 111 3.01 1.30 8.92
C GLN A 111 2.17 2.42 9.56
N GLU A 112 2.46 3.69 9.24
CA GLU A 112 1.87 4.82 9.97
C GLU A 112 0.61 5.44 9.34
N GLY A 113 0.39 5.23 8.03
CA GLY A 113 -0.79 5.79 7.38
C GLY A 113 -0.88 7.31 7.45
N ARG A 114 0.23 7.99 7.24
CA ARG A 114 0.24 9.45 7.31
CA ARG A 114 0.33 9.45 7.33
C ARG A 114 0.63 10.15 6.01
N VAL A 115 1.29 9.43 5.09
CA VAL A 115 1.85 10.04 3.88
C VAL A 115 1.66 9.19 2.63
N ILE A 116 1.21 9.84 1.56
CA ILE A 116 1.10 9.26 0.24
C ILE A 116 1.87 10.15 -0.73
N VAL A 117 2.65 9.50 -1.59
CA VAL A 117 3.43 10.17 -2.63
C VAL A 117 2.89 9.65 -3.97
N ALA A 118 2.52 10.57 -4.86
CA ALA A 118 2.06 10.22 -6.20
C ALA A 118 2.80 11.05 -7.22
N GLU A 119 3.45 10.37 -8.15
CA GLU A 119 4.17 11.03 -9.21
C GLU A 119 3.28 11.14 -10.44
N PHE A 120 3.17 12.36 -10.95
CA PHE A 120 2.49 12.62 -12.20
C PHE A 120 3.52 13.06 -13.25
N ASP A 121 3.07 13.40 -14.45
CA ASP A 121 3.98 13.75 -15.54
C ASP A 121 4.89 14.94 -15.22
N SER A 122 4.32 16.00 -14.65
CA SER A 122 5.05 17.26 -14.46
C SER A 122 5.47 17.56 -13.02
N PHE A 123 4.96 16.79 -12.07
CA PHE A 123 5.25 17.05 -10.68
C PHE A 123 5.02 15.82 -9.83
N VAL A 124 5.53 15.87 -8.59
CA VAL A 124 5.29 14.86 -7.57
C VAL A 124 4.40 15.49 -6.50
N LEU A 125 3.34 14.79 -6.14
CA LEU A 125 2.42 15.22 -5.11
C LEU A 125 2.68 14.41 -3.85
N VAL A 126 2.81 15.09 -2.73
CA VAL A 126 2.86 14.44 -1.44
C VAL A 126 1.70 14.98 -0.61
N THR A 127 0.94 14.08 -0.01
CA THR A 127 -0.04 14.51 0.97
C THR A 127 0.31 13.89 2.31
N ALA A 128 0.17 14.70 3.36
CA ALA A 128 0.61 14.32 4.69
C ALA A 128 -0.39 14.72 5.77
N TYR A 129 -0.49 13.86 6.78
CA TYR A 129 -1.12 14.17 8.07
C TYR A 129 0.04 14.08 9.08
N VAL A 130 0.57 15.24 9.43
CA VAL A 130 1.77 15.36 10.25
C VAL A 130 1.37 15.04 11.71
N PRO A 131 2.21 14.29 12.43
CA PRO A 131 1.85 13.94 13.81
C PRO A 131 1.69 15.13 14.73
N ASN A 132 0.59 15.16 15.46
CA ASN A 132 0.34 16.24 16.39
C ASN A 132 1.30 16.13 17.58
N ALA A 133 1.70 17.27 18.14
CA ALA A 133 2.62 17.26 19.29
C ALA A 133 1.94 16.73 20.55
N GLY A 134 0.60 16.77 20.54
CA GLY A 134 -0.20 16.21 21.63
C GLY A 134 -0.59 17.19 22.72
N ARG A 135 -1.68 16.89 23.43
CA ARG A 135 -2.04 17.65 24.61
C ARG A 135 -0.84 17.61 25.56
N GLY A 136 -0.53 18.74 26.15
CA GLY A 136 0.59 18.85 27.07
C GLY A 136 1.96 18.67 26.45
N LEU A 137 2.02 18.66 25.12
CA LEU A 137 3.27 18.47 24.36
C LEU A 137 3.93 17.12 24.62
N VAL A 138 3.15 16.13 25.00
CA VAL A 138 3.76 14.85 25.36
C VAL A 138 4.46 14.16 24.20
N ARG A 139 4.09 14.48 22.95
CA ARG A 139 4.77 13.87 21.82
C ARG A 139 5.50 14.87 20.96
N LEU A 140 5.89 16.00 21.57
CA LEU A 140 6.63 17.02 20.85
C LEU A 140 7.99 16.54 20.37
N GLU A 141 8.72 15.80 21.20
CA GLU A 141 10.03 15.33 20.75
C GLU A 141 9.91 14.39 19.57
N TYR A 142 8.93 13.49 19.62
CA TYR A 142 8.69 12.62 18.48
C TYR A 142 8.41 13.48 17.24
N ARG A 143 7.58 14.50 17.41
CA ARG A 143 7.24 15.37 16.26
C ARG A 143 8.51 16.00 15.67
N GLN A 144 9.41 16.42 16.53
CA GLN A 144 10.63 17.08 16.06
C GLN A 144 11.47 16.12 15.28
N ARG A 145 11.56 14.88 15.78
CA ARG A 145 12.32 13.87 15.07
C ARG A 145 11.67 13.54 13.73
N TRP A 146 10.35 13.50 13.74
CA TRP A 146 9.59 13.17 12.53
C TRP A 146 9.78 14.29 11.51
N ASP A 147 9.72 15.54 11.97
CA ASP A 147 9.91 16.70 11.09
C ASP A 147 11.24 16.56 10.32
N GLU A 148 12.30 16.23 11.06
CA GLU A 148 13.64 16.06 10.49
C GLU A 148 13.66 14.96 9.45
N ALA A 149 13.05 13.84 9.79
CA ALA A 149 13.01 12.71 8.88
C ALA A 149 12.22 13.07 7.62
N PHE A 150 11.13 13.81 7.80
CA PHE A 150 10.30 14.23 6.67
C PHE A 150 11.06 15.17 5.76
N ARG A 151 11.69 16.17 6.34
CA ARG A 151 12.46 17.16 5.58
C ARG A 151 13.48 16.47 4.70
N LYS A 152 14.19 15.49 5.27
CA LYS A 152 15.21 14.75 4.52
C LYS A 152 14.62 13.93 3.37
N PHE A 153 13.51 13.27 3.67
CA PHE A 153 12.79 12.50 2.67
C PHE A 153 12.34 13.37 1.49
N LEU A 154 11.77 14.53 1.78
CA LEU A 154 11.26 15.43 0.73
C LEU A 154 12.35 16.07 -0.09
N LYS A 155 13.52 16.25 0.51
CA LYS A 155 14.63 16.87 -0.20
C LYS A 155 15.11 15.88 -1.27
N GLY A 156 15.11 14.60 -0.93
CA GLY A 156 15.36 13.52 -1.88
C GLY A 156 14.15 13.05 -2.71
N LEU A 157 13.20 13.97 -2.94
CA LEU A 157 12.16 13.80 -3.96
C LEU A 157 12.20 15.00 -4.91
N ALA A 158 12.35 16.19 -4.32
CA ALA A 158 12.34 17.48 -5.04
C ALA A 158 13.56 17.59 -5.95
N SER A 159 14.58 16.79 -5.65
CA SER A 159 15.79 16.76 -6.48
C SER A 159 15.51 16.16 -7.87
N ARG A 160 14.28 15.70 -8.11
CA ARG A 160 13.86 15.09 -9.37
C ARG A 160 12.88 15.95 -10.17
N LYS A 161 11.62 15.90 -9.75
CA LYS A 161 10.54 16.66 -10.36
C LYS A 161 10.13 17.71 -9.33
N PRO A 162 9.49 18.80 -9.79
CA PRO A 162 8.96 19.75 -8.82
C PRO A 162 7.96 19.07 -7.89
N LEU A 163 7.86 19.61 -6.68
CA LEU A 163 7.05 19.03 -5.64
C LEU A 163 5.89 19.93 -5.27
N VAL A 164 4.72 19.31 -5.13
CA VAL A 164 3.62 19.89 -4.37
C VAL A 164 3.38 19.07 -3.09
N LEU A 165 3.50 19.71 -1.92
CA LEU A 165 3.16 19.08 -0.65
C LEU A 165 1.88 19.67 -0.11
N CYS A 166 0.86 18.84 0.16
CA CYS A 166 -0.35 19.38 0.75
C CYS A 166 -0.81 18.58 1.95
N GLY A 167 -1.64 19.21 2.74
CA GLY A 167 -2.29 18.50 3.82
C GLY A 167 -2.22 19.23 5.11
N ASP A 168 -2.43 18.47 6.18
CA ASP A 168 -2.49 19.00 7.54
C ASP A 168 -1.10 18.86 8.12
N LEU A 169 -0.41 20.00 8.18
CA LEU A 169 0.99 19.99 8.59
C LEU A 169 1.09 20.29 10.09
N ASN A 170 -0.07 20.51 10.72
CA ASN A 170 -0.21 20.57 12.18
C ASN A 170 0.77 21.56 12.81
N VAL A 171 0.81 22.72 12.19
CA VAL A 171 1.47 23.88 12.74
C VAL A 171 0.94 25.16 12.10
N ALA A 172 0.80 26.20 12.91
CA ALA A 172 0.49 27.53 12.43
C ALA A 172 1.83 28.23 12.41
N HIS A 173 2.34 28.48 11.21
CA HIS A 173 3.73 28.90 11.04
C HIS A 173 4.08 30.19 11.80
N GLU A 174 3.24 31.21 11.65
CA GLU A 174 3.53 32.53 12.21
C GLU A 174 2.32 33.05 12.97
N GLU A 175 2.49 34.14 13.69
CA GLU A 175 1.40 34.66 14.51
C GLU A 175 0.12 34.96 13.72
N ILE A 176 0.30 35.36 12.46
CA ILE A 176 -0.82 35.68 11.59
C ILE A 176 -1.65 34.42 11.29
N ASP A 177 -1.05 33.25 11.50
CA ASP A 177 -1.71 31.99 11.15
C ASP A 177 -2.62 31.41 12.21
N LEU A 178 -2.81 32.11 13.34
CA LEU A 178 -3.85 31.69 14.28
C LEU A 178 -4.42 32.89 15.05
N ARG A 179 -5.61 32.72 15.59
CA ARG A 179 -6.30 33.82 16.24
C ARG A 179 -5.65 34.24 17.54
N ASN A 180 -5.17 33.28 18.33
CA ASN A 180 -4.63 33.55 19.65
C ASN A 180 -3.18 33.12 19.80
N PRO A 181 -2.25 33.82 19.11
CA PRO A 181 -0.83 33.45 19.18
C PRO A 181 -0.28 33.54 20.61
N LYS A 182 -0.63 34.57 21.38
CA LYS A 182 0.05 34.78 22.65
C LYS A 182 -0.23 33.65 23.61
N GLY A 183 -1.48 33.22 23.69
CA GLY A 183 -1.87 32.20 24.63
C GLY A 183 -1.52 30.77 24.21
N ASN A 184 -1.01 30.58 22.99
CA ASN A 184 -0.85 29.23 22.45
C ASN A 184 0.60 28.80 22.21
N LYS A 185 1.55 29.58 22.69
CA LYS A 185 2.96 29.30 22.42
C LYS A 185 3.48 28.07 23.16
N LYS A 186 2.70 27.54 24.09
CA LYS A 186 3.05 26.28 24.77
C LYS A 186 2.09 25.19 24.37
N ASN A 187 1.36 25.43 23.30
CA ASN A 187 0.35 24.50 22.82
C ASN A 187 0.77 23.82 21.53
N ALA A 188 0.35 22.56 21.36
CA ALA A 188 0.56 21.84 20.11
C ALA A 188 0.10 22.71 18.95
N GLY A 189 0.94 22.80 17.92
CA GLY A 189 0.59 23.56 16.75
C GLY A 189 1.23 24.94 16.73
N PHE A 190 1.72 25.44 17.85
CA PHE A 190 2.37 26.75 17.82
C PHE A 190 3.56 26.87 18.76
N THR A 191 4.19 25.74 19.05
CA THR A 191 5.45 25.77 19.80
C THR A 191 6.54 26.36 18.92
N PRO A 192 7.54 27.00 19.55
CA PRO A 192 8.70 27.44 18.77
C PRO A 192 9.35 26.29 17.98
N GLN A 193 9.32 25.08 18.53
CA GLN A 193 9.93 23.92 17.87
C GLN A 193 9.21 23.55 16.56
N GLU A 194 7.90 23.59 16.61
CA GLU A 194 7.11 23.24 15.43
C GLU A 194 7.21 24.34 14.39
N ARG A 195 7.22 25.59 14.83
CA ARG A 195 7.29 26.71 13.92
C ARG A 195 8.65 26.71 13.22
N GLN A 196 9.69 26.39 13.97
CA GLN A 196 11.04 26.33 13.42
C GLN A 196 11.14 25.22 12.40
N GLY A 197 10.51 24.08 12.71
CA GLY A 197 10.50 22.95 11.78
C GLY A 197 9.88 23.30 10.43
N PHE A 198 8.80 24.05 10.46
CA PHE A 198 8.14 24.52 9.25
C PHE A 198 9.07 25.43 8.47
N GLY A 199 9.67 26.39 9.14
CA GLY A 199 10.69 27.22 8.53
C GLY A 199 11.80 26.45 7.86
N GLU A 200 12.35 25.44 8.54
CA GLU A 200 13.41 24.62 7.96
C GLU A 200 12.93 23.83 6.77
N LEU A 201 11.67 23.42 6.79
CA LEU A 201 11.09 22.73 5.66
C LEU A 201 11.09 23.64 4.43
N LEU A 202 10.64 24.88 4.60
CA LEU A 202 10.61 25.84 3.49
C LEU A 202 12.02 26.08 2.94
N GLN A 203 12.98 26.17 3.84
CA GLN A 203 14.34 26.57 3.44
C GLN A 203 15.13 25.40 2.87
N ALA A 204 14.96 24.22 3.45
CA ALA A 204 15.82 23.08 3.13
C ALA A 204 15.46 22.37 1.83
N VAL A 205 14.18 22.34 1.46
CA VAL A 205 13.77 21.48 0.36
C VAL A 205 14.18 22.03 -1.03
N PRO A 206 13.85 23.30 -1.36
CA PRO A 206 13.07 24.33 -0.68
C PRO A 206 11.63 24.36 -1.19
N LEU A 207 10.74 24.98 -0.39
CA LEU A 207 9.31 25.10 -0.71
C LEU A 207 8.79 26.50 -0.37
N ALA A 208 7.70 26.88 -1.01
CA ALA A 208 7.00 28.12 -0.71
C ALA A 208 5.59 27.84 -0.24
N ASP A 209 5.13 28.60 0.74
CA ASP A 209 3.75 28.52 1.23
C ASP A 209 2.84 29.24 0.23
N SER A 210 2.12 28.49 -0.60
CA SER A 210 1.33 29.08 -1.69
C SER A 210 0.39 30.16 -1.21
N PHE A 211 -0.36 29.93 -0.14
CA PHE A 211 -1.34 30.90 0.28
C PHE A 211 -0.64 32.18 0.77
N ARG A 212 0.40 32.01 1.57
CA ARG A 212 1.01 33.18 2.15
C ARG A 212 1.80 33.96 1.09
N HIS A 213 2.34 33.27 0.08
CA HIS A 213 2.97 33.90 -1.08
C HIS A 213 2.02 34.85 -1.79
N LEU A 214 0.75 34.45 -1.93
CA LEU A 214 -0.24 35.25 -2.63
C LEU A 214 -0.86 36.33 -1.74
N TYR A 215 -0.92 36.05 -0.44
CA TYR A 215 -1.68 36.85 0.51
C TYR A 215 -0.82 37.10 1.74
N PRO A 216 0.35 37.72 1.54
CA PRO A 216 1.36 37.78 2.60
C PRO A 216 0.88 38.49 3.85
N ASN A 217 -0.09 39.37 3.74
CA ASN A 217 -0.50 40.19 4.87
C ASN A 217 -1.93 40.00 5.32
N THR A 218 -2.56 38.94 4.84
CA THR A 218 -3.95 38.70 5.14
C THR A 218 -4.17 37.93 6.43
N PRO A 219 -4.76 38.58 7.45
CA PRO A 219 -5.06 37.92 8.71
C PRO A 219 -6.43 37.20 8.74
N TYR A 220 -6.68 36.43 9.79
CA TYR A 220 -7.95 35.77 10.09
C TYR A 220 -8.32 34.67 9.09
N ALA A 221 -7.32 34.19 8.36
CA ALA A 221 -7.47 33.13 7.37
C ALA A 221 -7.03 31.81 7.98
N TYR A 222 -8.00 31.00 8.41
CA TYR A 222 -7.74 29.74 9.08
C TYR A 222 -8.40 28.53 8.41
N THR A 223 -7.94 27.33 8.77
CA THR A 223 -8.45 26.11 8.17
C THR A 223 -8.93 25.10 9.21
N PHE A 224 -8.79 25.45 10.49
CA PHE A 224 -9.18 24.61 11.63
C PHE A 224 -9.81 25.49 12.71
N TRP A 225 -10.85 24.98 13.35
CA TRP A 225 -11.48 25.59 14.52
C TRP A 225 -11.87 24.46 15.45
N THR A 226 -11.50 24.55 16.74
CA THR A 226 -11.90 23.54 17.67
C THR A 226 -13.43 23.40 17.68
N TYR A 227 -13.91 22.17 17.80
CA TYR A 227 -15.34 21.92 17.92
C TYR A 227 -15.91 22.60 19.15
N MET A 228 -15.07 22.84 20.13
CA MET A 228 -15.54 23.43 21.39
C MET A 228 -15.74 24.94 21.34
N MET A 229 -16.60 25.42 22.24
CA MET A 229 -16.68 26.84 22.57
C MET A 229 -17.08 27.69 21.37
N ASN A 230 -17.87 27.10 20.47
CA ASN A 230 -18.38 27.81 19.30
C ASN A 230 -17.27 28.53 18.51
N ALA A 231 -16.08 27.96 18.48
CA ALA A 231 -14.96 28.68 17.88
C ALA A 231 -15.14 29.00 16.38
N ARG A 232 -15.75 28.11 15.61
CA ARG A 232 -15.88 28.37 14.19
C ARG A 232 -16.81 29.55 13.91
N SER A 233 -17.88 29.66 14.69
CA SER A 233 -18.81 30.74 14.47
C SER A 233 -18.14 32.08 14.81
N LYS A 234 -17.12 32.05 15.67
CA LYS A 234 -16.40 33.25 16.03
C LYS A 234 -15.14 33.47 15.15
N ASN A 235 -14.90 32.53 14.24
CA ASN A 235 -13.65 32.44 13.48
C ASN A 235 -12.42 32.54 14.37
N VAL A 236 -12.45 31.83 15.48
CA VAL A 236 -11.26 31.64 16.32
C VAL A 236 -10.62 30.33 15.86
N GLY A 237 -9.64 30.44 14.97
CA GLY A 237 -9.10 29.27 14.31
C GLY A 237 -7.60 29.33 14.15
N TRP A 238 -7.11 28.34 13.43
CA TRP A 238 -5.70 28.15 13.13
C TRP A 238 -5.55 27.79 11.67
N ARG A 239 -4.49 28.25 11.02
CA ARG A 239 -4.19 27.75 9.67
C ARG A 239 -3.18 26.62 9.79
N LEU A 240 -3.68 25.39 9.65
CA LEU A 240 -2.89 24.17 9.80
C LEU A 240 -2.71 23.41 8.49
N ASP A 241 -3.46 23.80 7.48
CA ASP A 241 -3.53 23.07 6.22
C ASP A 241 -2.96 23.92 5.11
N TYR A 242 -2.07 23.33 4.31
CA TYR A 242 -1.24 24.08 3.39
C TYR A 242 -1.07 23.40 2.06
N PHE A 243 -0.79 24.20 1.04
CA PHE A 243 -0.12 23.75 -0.19
C PHE A 243 1.24 24.41 -0.28
N LEU A 244 2.28 23.60 -0.17
CA LEU A 244 3.67 24.05 -0.32
C LEU A 244 4.19 23.60 -1.68
N LEU A 245 4.88 24.50 -2.38
CA LEU A 245 5.32 24.30 -3.76
C LEU A 245 6.81 24.52 -3.95
N SER A 246 7.42 23.68 -4.79
CA SER A 246 8.77 23.99 -5.30
C SER A 246 8.77 25.38 -5.91
N HIS A 247 9.88 26.10 -5.75
CA HIS A 247 9.95 27.45 -6.30
CA HIS A 247 10.07 27.42 -6.33
C HIS A 247 9.73 27.47 -7.81
N SER A 248 10.15 26.42 -8.52
CA SER A 248 9.97 26.32 -9.96
C SER A 248 8.51 26.23 -10.37
N LEU A 249 7.61 25.91 -9.43
CA LEU A 249 6.18 25.92 -9.72
C LEU A 249 5.46 27.24 -9.47
N LEU A 250 6.12 28.22 -8.87
CA LEU A 250 5.45 29.47 -8.59
C LEU A 250 4.92 30.19 -9.85
N PRO A 251 5.63 30.08 -10.99
CA PRO A 251 5.04 30.67 -12.21
C PRO A 251 3.77 29.93 -12.66
N ALA A 252 3.53 28.73 -12.13
CA ALA A 252 2.33 27.96 -12.46
C ALA A 252 1.18 28.25 -11.48
N LEU A 253 1.50 28.92 -10.39
CA LEU A 253 0.52 29.16 -9.35
C LEU A 253 -0.54 30.19 -9.75
N CYS A 254 -1.80 29.77 -9.76
CA CYS A 254 -2.90 30.68 -10.03
C CYS A 254 -3.55 31.17 -8.76
N ASP A 255 -3.91 30.25 -7.87
CA ASP A 255 -4.49 30.63 -6.59
C ASP A 255 -4.42 29.48 -5.59
N SER A 256 -4.56 29.85 -4.33
CA SER A 256 -4.57 28.93 -3.21
C SER A 256 -5.71 29.39 -2.32
N LYS A 257 -6.74 28.58 -2.23
CA LYS A 257 -8.00 28.96 -1.60
C LYS A 257 -8.21 28.29 -0.25
N ILE A 258 -9.00 28.95 0.59
CA ILE A 258 -9.47 28.41 1.84
C ILE A 258 -11.00 28.39 1.77
N ARG A 259 -11.56 27.18 1.76
CA ARG A 259 -13.00 27.00 1.56
C ARG A 259 -13.76 27.02 2.90
N SER A 260 -13.76 28.20 3.52
CA SER A 260 -14.25 28.39 4.88
C SER A 260 -15.68 27.89 5.15
N LYS A 261 -16.54 27.93 4.12
CA LYS A 261 -17.95 27.63 4.30
C LYS A 261 -18.29 26.14 4.26
N ALA A 262 -17.36 25.31 3.82
CA ALA A 262 -17.62 23.87 3.67
C ALA A 262 -17.54 23.16 5.01
N LEU A 263 -18.69 22.63 5.44
CA LEU A 263 -18.79 21.94 6.72
C LEU A 263 -18.53 20.46 6.57
N GLY A 264 -18.48 19.75 7.70
CA GLY A 264 -18.32 18.30 7.71
C GLY A 264 -17.13 17.82 8.52
N SER A 265 -16.34 18.78 8.99
CA SER A 265 -15.16 18.46 9.77
C SER A 265 -14.84 19.66 10.68
N ASP A 266 -13.82 19.56 11.54
CA ASP A 266 -13.32 20.73 12.22
C ASP A 266 -12.22 21.45 11.42
N HIS A 267 -11.85 20.88 10.26
CA HIS A 267 -11.04 21.58 9.26
C HIS A 267 -11.92 21.86 8.06
N CYS A 268 -11.58 22.90 7.32
CA CYS A 268 -12.25 23.16 6.06
C CYS A 268 -11.34 22.72 4.92
N PRO A 269 -11.89 22.53 3.72
CA PRO A 269 -11.03 22.24 2.54
C PRO A 269 -10.12 23.40 2.14
N ILE A 270 -9.02 23.06 1.49
CA ILE A 270 -8.19 24.04 0.81
C ILE A 270 -8.02 23.55 -0.63
N THR A 271 -7.94 24.50 -1.56
CA THR A 271 -7.86 24.19 -2.98
C THR A 271 -6.78 24.97 -3.68
N LEU A 272 -6.04 24.26 -4.52
CA LEU A 272 -4.94 24.81 -5.31
C LEU A 272 -5.27 24.79 -6.80
N TYR A 273 -5.03 25.91 -7.48
CA TYR A 273 -5.16 25.99 -8.91
C TYR A 273 -3.78 26.18 -9.54
N LEU A 274 -3.41 25.29 -10.45
CA LEU A 274 -2.14 25.36 -11.15
C LEU A 274 -2.32 25.32 -12.67
N ALA A 275 -1.51 26.14 -13.35
CA ALA A 275 -1.43 26.16 -14.80
C ALA A 275 -0.25 25.32 -15.28
N LEU A 276 -0.51 24.06 -15.59
CA LEU A 276 0.55 23.19 -16.07
C LEU A 276 0.41 22.94 -17.58
N ALA B 1 1.85 -36.18 -21.38
CA ALA B 1 2.97 -35.64 -20.63
C ALA B 1 3.01 -34.11 -20.69
N LEU B 2 2.45 -33.51 -21.74
CA LEU B 2 2.26 -32.04 -21.79
C LEU B 2 0.97 -31.63 -21.12
N TYR B 3 0.91 -30.38 -20.69
CA TYR B 3 -0.19 -29.93 -19.85
C TYR B 3 -0.82 -28.62 -20.31
N GLU B 4 -2.14 -28.59 -20.37
CA GLU B 4 -2.89 -27.38 -20.69
C GLU B 4 -3.84 -27.09 -19.55
N ASP B 5 -3.54 -26.05 -18.78
CA ASP B 5 -4.37 -25.66 -17.65
C ASP B 5 -5.76 -25.27 -18.15
N PRO B 6 -6.82 -25.73 -17.46
CA PRO B 6 -8.19 -25.43 -17.89
C PRO B 6 -8.46 -23.92 -17.87
N PRO B 7 -9.50 -23.46 -18.60
CA PRO B 7 -9.85 -22.05 -18.56
C PRO B 7 -10.27 -21.63 -17.15
N ASP B 8 -10.10 -20.35 -16.83
CA ASP B 8 -10.43 -19.84 -15.52
C ASP B 8 -11.89 -19.99 -15.22
N GLN B 9 -12.20 -20.55 -14.05
CA GLN B 9 -13.57 -20.65 -13.56
C GLN B 9 -13.63 -19.49 -12.54
N LYS B 10 -14.42 -18.46 -12.83
CA LYS B 10 -14.48 -17.28 -11.97
C LYS B 10 -15.79 -17.13 -11.17
N THR B 11 -16.53 -18.21 -11.02
CA THR B 11 -17.67 -18.23 -10.12
C THR B 11 -17.54 -19.47 -9.25
N SER B 12 -18.08 -19.36 -8.05
CA SER B 12 -17.91 -20.37 -7.04
C SER B 12 -18.92 -21.49 -7.29
N PRO B 13 -18.83 -22.59 -6.53
CA PRO B 13 -19.80 -23.68 -6.69
C PRO B 13 -21.25 -23.27 -6.43
N SER B 14 -21.47 -22.24 -5.61
CA SER B 14 -22.81 -21.74 -5.33
C SER B 14 -23.14 -20.54 -6.23
N GLY B 15 -22.30 -20.31 -7.23
CA GLY B 15 -22.59 -19.33 -8.27
C GLY B 15 -22.14 -17.91 -8.04
N LYS B 16 -21.48 -17.64 -6.92
CA LYS B 16 -21.04 -16.28 -6.60
C LYS B 16 -19.76 -15.92 -7.35
N PRO B 17 -19.66 -14.66 -7.80
CA PRO B 17 -18.54 -14.28 -8.65
C PRO B 17 -17.26 -14.03 -7.86
N ALA B 18 -16.13 -14.39 -8.45
CA ALA B 18 -14.84 -14.14 -7.81
C ALA B 18 -14.67 -12.64 -7.62
N THR B 19 -14.19 -12.28 -6.44
CA THR B 19 -13.94 -10.90 -6.06
C THR B 19 -12.46 -10.62 -5.74
N LEU B 20 -11.67 -11.67 -5.64
CA LEU B 20 -10.30 -11.58 -5.22
C LEU B 20 -9.44 -12.49 -6.06
N LYS B 21 -8.37 -11.93 -6.60
CA LYS B 21 -7.44 -12.65 -7.45
C LYS B 21 -6.04 -12.50 -6.86
N ILE B 22 -5.47 -13.62 -6.40
CA ILE B 22 -4.11 -13.63 -5.86
C ILE B 22 -3.15 -14.39 -6.76
N CYS B 23 -1.99 -13.80 -7.03
CA CYS B 23 -0.99 -14.46 -7.86
C CYS B 23 0.24 -14.69 -7.01
N SER B 24 0.84 -15.87 -7.14
CA SER B 24 2.06 -16.19 -6.43
C SER B 24 3.10 -16.65 -7.46
N TRP B 25 4.33 -16.17 -7.29
CA TRP B 25 5.40 -16.48 -8.25
C TRP B 25 6.79 -16.51 -7.63
N ASN B 26 7.45 -17.65 -7.71
CA ASN B 26 8.88 -17.69 -7.41
C ASN B 26 9.60 -17.17 -8.67
N VAL B 27 10.13 -15.96 -8.54
CA VAL B 27 10.73 -15.26 -9.65
C VAL B 27 12.21 -15.62 -9.84
N ASP B 28 12.78 -16.27 -8.83
CA ASP B 28 14.16 -16.76 -8.82
C ASP B 28 15.13 -15.72 -9.40
N GLY B 29 15.26 -14.62 -8.66
CA GLY B 29 16.04 -13.46 -9.07
C GLY B 29 15.11 -12.40 -9.59
N LEU B 30 14.71 -11.50 -8.69
CA LEU B 30 13.72 -10.48 -9.03
C LEU B 30 14.22 -9.57 -10.16
N ARG B 31 15.47 -9.17 -10.08
CA ARG B 31 16.00 -8.19 -11.05
C ARG B 31 16.06 -8.83 -12.43
N ALA B 32 16.47 -10.08 -12.47
CA ALA B 32 16.49 -10.82 -13.74
C ALA B 32 15.08 -11.01 -14.30
N TRP B 33 14.17 -11.42 -13.42
CA TRP B 33 12.79 -11.59 -13.77
C TRP B 33 12.17 -10.34 -14.40
N ILE B 34 12.46 -9.18 -13.81
CA ILE B 34 11.98 -7.92 -14.34
C ILE B 34 12.54 -7.69 -15.75
N LYS B 35 13.80 -8.03 -15.96
CA LYS B 35 14.41 -7.83 -17.28
C LYS B 35 13.81 -8.80 -18.30
N LYS B 36 13.32 -9.94 -17.82
CA LYS B 36 12.71 -10.92 -18.68
C LYS B 36 11.19 -10.69 -18.77
N LYS B 37 10.79 -9.46 -18.46
CA LYS B 37 9.44 -8.93 -18.69
C LYS B 37 8.38 -9.46 -17.72
N GLY B 38 8.80 -9.87 -16.53
CA GLY B 38 7.86 -10.40 -15.57
C GLY B 38 6.75 -9.43 -15.22
N LEU B 39 7.09 -8.14 -15.12
CA LEU B 39 6.08 -7.17 -14.71
C LEU B 39 5.05 -6.94 -15.78
N ASP B 40 5.45 -7.07 -17.04
CA ASP B 40 4.49 -6.96 -18.12
C ASP B 40 3.46 -8.08 -17.97
N TRP B 41 3.92 -9.27 -17.61
CA TRP B 41 2.97 -10.37 -17.42
C TRP B 41 2.04 -10.06 -16.25
N VAL B 42 2.62 -9.58 -15.14
CA VAL B 42 1.83 -9.22 -13.98
C VAL B 42 0.78 -8.16 -14.30
N LYS B 43 1.16 -7.12 -15.05
CA LYS B 43 0.18 -6.12 -15.50
C LYS B 43 -1.01 -6.73 -16.26
N GLU B 44 -0.72 -7.71 -17.11
CA GLU B 44 -1.79 -8.36 -17.87
C GLU B 44 -2.66 -9.21 -16.96
N GLU B 45 -2.03 -9.92 -16.02
CA GLU B 45 -2.79 -10.79 -15.11
C GLU B 45 -3.64 -9.96 -14.18
N ALA B 46 -3.12 -8.80 -13.78
CA ALA B 46 -3.86 -7.83 -12.98
C ALA B 46 -4.42 -8.44 -11.69
N PRO B 47 -3.56 -9.07 -10.88
CA PRO B 47 -4.07 -9.58 -9.60
C PRO B 47 -4.30 -8.47 -8.60
N ASP B 48 -5.17 -8.70 -7.64
CA ASP B 48 -5.31 -7.83 -6.47
C ASP B 48 -4.14 -7.93 -5.50
N ILE B 49 -3.52 -9.09 -5.45
CA ILE B 49 -2.39 -9.35 -4.56
C ILE B 49 -1.39 -10.21 -5.32
N LEU B 50 -0.12 -9.87 -5.18
CA LEU B 50 0.99 -10.57 -5.81
C LEU B 50 2.02 -10.94 -4.75
N CYS B 51 2.34 -12.22 -4.68
CA CYS B 51 3.30 -12.72 -3.71
C CYS B 51 4.48 -13.24 -4.48
N LEU B 52 5.67 -12.79 -4.11
CA LEU B 52 6.89 -13.14 -4.82
C LEU B 52 7.85 -13.87 -3.87
N GLN B 53 8.52 -14.90 -4.39
CA GLN B 53 9.53 -15.59 -3.62
C GLN B 53 10.86 -15.75 -4.37
N GLU B 54 11.90 -15.92 -3.56
CA GLU B 54 13.28 -16.06 -4.01
C GLU B 54 13.67 -14.82 -4.82
N THR B 55 13.50 -13.66 -4.19
CA THR B 55 13.74 -12.41 -4.89
C THR B 55 15.23 -12.13 -5.06
N LYS B 56 16.06 -12.61 -4.11
CA LYS B 56 17.52 -12.44 -4.17
C LYS B 56 17.89 -10.99 -4.48
N CYS B 57 17.30 -10.07 -3.71
CA CYS B 57 17.47 -8.65 -3.92
C CYS B 57 17.32 -7.90 -2.61
N SER B 58 18.36 -7.19 -2.19
CA SER B 58 18.26 -6.32 -1.01
C SER B 58 17.29 -5.18 -1.30
N GLU B 59 16.75 -4.56 -0.24
CA GLU B 59 15.76 -3.50 -0.42
C GLU B 59 16.30 -2.32 -1.21
N ASN B 60 17.54 -1.94 -0.92
CA ASN B 60 18.19 -0.83 -1.60
C ASN B 60 18.33 -1.02 -3.08
N LYS B 61 18.24 -2.27 -3.51
CA LYS B 61 18.45 -2.63 -4.90
C LYS B 61 17.16 -2.94 -5.65
N LEU B 62 16.01 -2.80 -4.99
CA LEU B 62 14.73 -3.03 -5.66
C LEU B 62 14.53 -2.05 -6.82
N PRO B 63 14.38 -2.57 -8.05
CA PRO B 63 14.17 -1.68 -9.21
C PRO B 63 12.98 -0.74 -9.06
N ALA B 64 13.10 0.49 -9.58
CA ALA B 64 12.02 1.47 -9.38
C ALA B 64 10.84 1.17 -10.29
N GLU B 65 11.04 0.32 -11.31
CA GLU B 65 9.95 -0.20 -12.12
C GLU B 65 8.80 -0.69 -11.24
N LEU B 66 9.12 -1.23 -10.06
CA LEU B 66 8.11 -1.80 -9.18
C LEU B 66 7.09 -0.76 -8.73
N GLN B 67 7.54 0.50 -8.64
CA GLN B 67 6.66 1.58 -8.24
C GLN B 67 5.59 1.90 -9.29
N GLU B 68 5.88 1.48 -10.51
CA GLU B 68 5.01 1.78 -11.63
C GLU B 68 3.92 0.75 -11.82
N LEU B 69 3.56 0.08 -10.73
CA LEU B 69 2.31 -0.69 -10.62
C LEU B 69 1.44 -0.01 -9.55
N PRO B 70 0.81 1.14 -9.89
CA PRO B 70 -0.07 1.70 -8.86
C PRO B 70 -1.28 0.77 -8.59
N GLY B 71 -1.53 -0.25 -9.42
CA GLY B 71 -2.55 -1.28 -9.15
C GLY B 71 -2.14 -2.25 -8.06
N LEU B 72 -0.86 -2.17 -7.72
CA LEU B 72 -0.28 -2.98 -6.65
C LEU B 72 0.64 -2.10 -5.82
N SER B 73 0.08 -0.99 -5.33
CA SER B 73 0.91 0.08 -4.75
C SER B 73 1.43 -0.19 -3.35
N HIS B 74 0.77 -1.07 -2.61
CA HIS B 74 1.25 -1.41 -1.27
C HIS B 74 2.22 -2.59 -1.34
N GLN B 75 3.49 -2.33 -1.03
CA GLN B 75 4.58 -3.27 -1.29
C GLN B 75 5.41 -3.48 -0.03
N TYR B 76 5.51 -4.75 0.36
CA TYR B 76 6.19 -5.20 1.56
C TYR B 76 7.22 -6.24 1.20
N TRP B 77 8.43 -6.08 1.71
CA TRP B 77 9.55 -6.96 1.35
C TRP B 77 10.26 -7.48 2.58
N SER B 78 10.80 -8.67 2.46
CA SER B 78 11.55 -9.27 3.54
C SER B 78 12.79 -9.84 2.92
N ALA B 79 13.92 -9.23 3.25
CA ALA B 79 15.23 -9.73 2.81
C ALA B 79 15.91 -10.58 3.89
N PRO B 80 16.77 -11.53 3.48
CA PRO B 80 17.58 -12.28 4.45
C PRO B 80 18.51 -11.39 5.27
N TYR B 86 20.26 -16.34 -0.65
CA TYR B 86 19.42 -17.13 -1.54
C TYR B 86 17.98 -17.17 -1.08
N SER B 87 17.42 -16.00 -0.79
CA SER B 87 16.10 -15.96 -0.22
C SER B 87 15.42 -14.65 -0.63
N GLY B 88 14.46 -14.22 0.18
CA GLY B 88 13.75 -12.98 -0.10
C GLY B 88 12.35 -13.23 -0.62
N VAL B 89 11.41 -12.52 -0.02
CA VAL B 89 10.02 -12.61 -0.45
C VAL B 89 9.43 -11.20 -0.51
N GLY B 90 8.35 -11.07 -1.27
CA GLY B 90 7.62 -9.83 -1.39
C GLY B 90 6.12 -10.06 -1.37
N LEU B 91 5.39 -9.05 -0.95
CA LEU B 91 3.94 -9.07 -1.01
C LEU B 91 3.45 -7.70 -1.45
N LEU B 92 2.78 -7.68 -2.60
CA LEU B 92 2.27 -6.44 -3.20
C LEU B 92 0.76 -6.52 -3.24
N SER B 93 0.10 -5.43 -2.86
CA SER B 93 -1.33 -5.46 -2.65
C SER B 93 -1.98 -4.23 -3.23
N ARG B 94 -3.14 -4.43 -3.84
CA ARG B 94 -3.95 -3.33 -4.36
C ARG B 94 -4.50 -2.48 -3.20
N GLN B 95 -5.13 -3.15 -2.24
CA GLN B 95 -5.67 -2.50 -1.06
C GLN B 95 -4.65 -2.50 0.06
N CYS B 96 -4.77 -1.52 0.96
CA CYS B 96 -3.92 -1.44 2.13
C CYS B 96 -4.27 -2.57 3.08
N PRO B 97 -3.32 -3.44 3.40
CA PRO B 97 -3.62 -4.47 4.40
C PRO B 97 -3.89 -3.87 5.77
N LEU B 98 -4.61 -4.60 6.63
CA LEU B 98 -4.86 -4.15 7.99
C LEU B 98 -3.57 -4.16 8.80
N LYS B 99 -2.73 -5.16 8.57
CA LYS B 99 -1.44 -5.30 9.24
C LYS B 99 -0.52 -6.25 8.51
N VAL B 100 0.77 -5.93 8.48
CA VAL B 100 1.77 -6.81 7.89
C VAL B 100 2.89 -7.11 8.90
N SER B 101 3.24 -8.38 9.01
CA SER B 101 4.32 -8.81 9.89
C SER B 101 5.24 -9.76 9.11
N TYR B 102 6.40 -10.04 9.70
CA TYR B 102 7.48 -10.74 8.99
C TYR B 102 8.01 -11.89 9.83
N GLY B 103 8.35 -12.99 9.16
CA GLY B 103 8.91 -14.15 9.84
C GLY B 103 7.86 -15.00 10.51
N ILE B 104 8.32 -16.00 11.25
CA ILE B 104 7.42 -16.96 11.85
C ILE B 104 7.51 -16.96 13.38
N GLY B 105 7.79 -15.80 13.96
CA GLY B 105 7.75 -15.61 15.41
C GLY B 105 9.09 -15.85 16.10
N ASP B 106 9.95 -16.62 15.44
CA ASP B 106 11.28 -16.91 15.96
C ASP B 106 12.31 -16.89 14.84
N GLU B 112 14.67 -14.61 8.14
CA GLU B 112 15.51 -15.19 7.09
C GLU B 112 14.96 -14.81 5.72
N GLY B 113 13.97 -13.90 5.70
CA GLY B 113 13.47 -13.40 4.44
C GLY B 113 12.63 -14.45 3.72
N ARG B 114 11.86 -15.22 4.49
CA ARG B 114 11.08 -16.32 3.91
C ARG B 114 9.57 -16.19 4.03
N VAL B 115 9.09 -15.40 4.99
CA VAL B 115 7.65 -15.31 5.29
C VAL B 115 7.20 -13.88 5.54
N ILE B 116 6.11 -13.53 4.87
CA ILE B 116 5.36 -12.32 5.13
C ILE B 116 3.92 -12.71 5.43
N VAL B 117 3.36 -12.02 6.41
CA VAL B 117 1.97 -12.23 6.84
C VAL B 117 1.20 -10.93 6.71
N ALA B 118 0.10 -10.95 5.96
CA ALA B 118 -0.71 -9.76 5.73
C ALA B 118 -2.16 -10.07 6.10
N GLU B 119 -2.69 -9.29 7.04
CA GLU B 119 -4.07 -9.45 7.47
C GLU B 119 -4.98 -8.56 6.68
N PHE B 120 -6.02 -9.17 6.13
CA PHE B 120 -7.07 -8.46 5.44
C PHE B 120 -8.39 -8.60 6.17
N ASP B 121 -9.42 -7.99 5.58
CA ASP B 121 -10.76 -7.97 6.12
C ASP B 121 -11.18 -9.38 6.53
N SER B 122 -11.31 -10.27 5.56
CA SER B 122 -11.94 -11.57 5.78
C SER B 122 -10.96 -12.75 5.93
N PHE B 123 -9.65 -12.51 5.83
CA PHE B 123 -8.71 -13.61 5.85
C PHE B 123 -7.32 -13.11 6.15
N VAL B 124 -6.44 -14.03 6.53
CA VAL B 124 -5.03 -13.75 6.68
C VAL B 124 -4.24 -14.46 5.59
N LEU B 125 -3.34 -13.70 4.96
CA LEU B 125 -2.55 -14.21 3.85
C LEU B 125 -1.12 -14.40 4.33
N VAL B 126 -0.60 -15.60 4.15
CA VAL B 126 0.78 -15.89 4.45
C VAL B 126 1.44 -16.27 3.14
N THR B 127 2.56 -15.62 2.80
CA THR B 127 3.34 -16.15 1.69
C THR B 127 4.67 -16.65 2.22
N ALA B 128 5.10 -17.78 1.66
CA ALA B 128 6.29 -18.47 2.18
C ALA B 128 7.21 -18.95 1.07
N TYR B 129 8.50 -18.90 1.36
CA TYR B 129 9.55 -19.49 0.55
C TYR B 129 10.25 -20.50 1.44
N VAL B 130 9.75 -21.74 1.42
CA VAL B 130 10.22 -22.77 2.34
C VAL B 130 11.65 -23.18 1.99
N PRO B 131 12.52 -23.37 2.99
CA PRO B 131 13.91 -23.68 2.66
C PRO B 131 14.06 -25.02 1.93
N ASN B 132 14.88 -25.04 0.87
CA ASN B 132 15.14 -26.26 0.12
C ASN B 132 15.97 -27.21 0.99
N ALA B 133 15.78 -28.52 0.84
CA ALA B 133 16.59 -29.47 1.64
C ALA B 133 18.03 -29.56 1.13
N GLY B 134 18.26 -29.09 -0.08
CA GLY B 134 19.61 -28.99 -0.64
C GLY B 134 20.04 -30.22 -1.43
N ARG B 135 20.95 -30.04 -2.38
CA ARG B 135 21.61 -31.17 -3.03
C ARG B 135 22.21 -32.06 -1.95
N GLY B 136 22.03 -33.37 -2.07
CA GLY B 136 22.56 -34.32 -1.11
C GLY B 136 21.88 -34.22 0.24
N LEU B 137 20.74 -33.55 0.30
CA LEU B 137 19.95 -33.42 1.52
C LEU B 137 20.76 -32.82 2.64
N VAL B 138 21.73 -31.97 2.28
CA VAL B 138 22.63 -31.39 3.28
C VAL B 138 21.92 -30.52 4.32
N ARG B 139 20.78 -29.94 3.98
CA ARG B 139 20.04 -29.12 4.92
C ARG B 139 18.66 -29.69 5.21
N LEU B 140 18.54 -31.01 5.15
CA LEU B 140 17.24 -31.63 5.37
C LEU B 140 16.87 -31.47 6.82
N GLU B 141 17.86 -31.53 7.68
CA GLU B 141 17.59 -31.43 9.11
C GLU B 141 17.04 -30.05 9.42
N TYR B 142 17.64 -29.02 8.83
CA TYR B 142 17.16 -27.65 9.02
C TYR B 142 15.71 -27.54 8.52
N ARG B 143 15.43 -28.19 7.40
CA ARG B 143 14.13 -28.11 6.74
C ARG B 143 13.06 -28.75 7.64
N GLN B 144 13.43 -29.84 8.31
CA GLN B 144 12.49 -30.52 9.19
C GLN B 144 12.14 -29.65 10.39
N ARG B 145 13.14 -28.99 10.97
CA ARG B 145 12.94 -28.06 12.08
C ARG B 145 12.10 -26.86 11.66
N TRP B 146 12.40 -26.32 10.49
CA TRP B 146 11.63 -25.21 9.95
C TRP B 146 10.15 -25.58 9.75
N ASP B 147 9.89 -26.73 9.14
CA ASP B 147 8.54 -27.22 8.94
C ASP B 147 7.78 -27.27 10.26
N GLU B 148 8.40 -27.89 11.27
CA GLU B 148 7.81 -27.99 12.59
C GLU B 148 7.47 -26.61 13.17
N ALA B 149 8.40 -25.67 13.10
CA ALA B 149 8.19 -24.33 13.64
C ALA B 149 7.10 -23.58 12.87
N PHE B 150 7.07 -23.80 11.56
CA PHE B 150 6.11 -23.13 10.69
C PHE B 150 4.69 -23.59 11.01
N ARG B 151 4.52 -24.91 11.11
CA ARG B 151 3.22 -25.48 11.42
C ARG B 151 2.69 -24.91 12.74
N LYS B 152 3.55 -24.88 13.75
CA LYS B 152 3.20 -24.32 15.05
C LYS B 152 2.75 -22.88 14.93
N PHE B 153 3.51 -22.10 14.15
CA PHE B 153 3.22 -20.69 13.90
C PHE B 153 1.85 -20.53 13.23
N LEU B 154 1.58 -21.32 12.21
CA LEU B 154 0.34 -21.21 11.44
C LEU B 154 -0.90 -21.62 12.21
N LYS B 155 -0.74 -22.56 13.14
CA LYS B 155 -1.84 -22.94 14.03
C LYS B 155 -2.29 -21.75 14.85
N GLY B 156 -1.32 -21.04 15.42
CA GLY B 156 -1.57 -19.77 16.11
C GLY B 156 -2.28 -18.73 15.26
N LEU B 157 -1.96 -18.66 13.97
CA LEU B 157 -2.65 -17.72 13.08
C LEU B 157 -4.09 -18.13 12.85
N ALA B 158 -4.28 -19.34 12.33
CA ALA B 158 -5.60 -19.83 11.91
C ALA B 158 -6.61 -19.80 13.06
N SER B 159 -6.11 -19.65 14.29
CA SER B 159 -6.98 -19.61 15.47
C SER B 159 -7.80 -18.34 15.54
N ARG B 160 -7.58 -17.43 14.60
CA ARG B 160 -8.30 -16.16 14.53
C ARG B 160 -9.16 -16.04 13.28
N LYS B 161 -8.54 -15.73 12.16
CA LYS B 161 -9.24 -15.59 10.88
C LYS B 161 -8.90 -16.78 9.98
N PRO B 162 -9.71 -17.01 8.94
CA PRO B 162 -9.31 -18.01 7.94
C PRO B 162 -8.01 -17.61 7.22
N LEU B 163 -7.27 -18.64 6.85
CA LEU B 163 -5.94 -18.53 6.31
C LEU B 163 -5.86 -18.90 4.83
N VAL B 164 -5.13 -18.08 4.07
CA VAL B 164 -4.63 -18.48 2.75
C VAL B 164 -3.11 -18.52 2.83
N LEU B 165 -2.51 -19.67 2.50
CA LEU B 165 -1.06 -19.81 2.50
C LEU B 165 -0.63 -20.04 1.08
N CYS B 166 0.27 -19.21 0.61
CA CYS B 166 0.76 -19.40 -0.74
C CYS B 166 2.26 -19.29 -0.83
N GLY B 167 2.79 -19.90 -1.87
CA GLY B 167 4.19 -19.76 -2.21
C GLY B 167 4.84 -21.05 -2.62
N ASP B 168 6.16 -21.02 -2.51
CA ASP B 168 6.99 -22.13 -2.92
C ASP B 168 7.27 -22.95 -1.68
N LEU B 169 6.56 -24.08 -1.55
CA LEU B 169 6.66 -24.88 -0.34
C LEU B 169 7.74 -25.95 -0.48
N ASN B 170 8.37 -26.03 -1.65
CA ASN B 170 9.54 -26.88 -1.87
C ASN B 170 9.30 -28.33 -1.46
N VAL B 171 8.12 -28.80 -1.81
CA VAL B 171 7.83 -30.19 -1.74
C VAL B 171 6.76 -30.49 -2.73
N ALA B 172 6.92 -31.65 -3.38
CA ALA B 172 5.86 -32.28 -4.16
C ALA B 172 5.18 -33.32 -3.26
N HIS B 173 3.94 -33.04 -2.87
CA HIS B 173 3.25 -33.83 -1.87
C HIS B 173 3.17 -35.32 -2.20
N GLU B 174 2.66 -35.63 -3.39
CA GLU B 174 2.41 -36.99 -3.81
C GLU B 174 3.01 -37.28 -5.17
N GLU B 175 2.95 -38.54 -5.59
CA GLU B 175 3.63 -38.93 -6.81
C GLU B 175 3.08 -38.18 -8.01
N ILE B 176 1.80 -37.84 -7.96
CA ILE B 176 1.15 -37.15 -9.06
C ILE B 176 1.73 -35.73 -9.21
N ASP B 177 2.46 -35.27 -8.20
CA ASP B 177 2.97 -33.89 -8.18
C ASP B 177 4.35 -33.71 -8.77
N LEU B 178 4.92 -34.76 -9.36
CA LEU B 178 6.15 -34.58 -10.12
C LEU B 178 6.27 -35.64 -11.20
N ARG B 179 7.07 -35.36 -12.22
CA ARG B 179 7.20 -36.26 -13.38
C ARG B 179 7.92 -37.58 -13.06
N ASN B 180 8.97 -37.51 -12.25
CA ASN B 180 9.79 -38.69 -11.91
C ASN B 180 9.76 -39.04 -10.43
N PRO B 181 8.63 -39.50 -9.92
CA PRO B 181 8.59 -39.81 -8.49
C PRO B 181 9.59 -40.88 -8.04
N LYS B 182 9.78 -41.93 -8.82
CA LYS B 182 10.63 -43.04 -8.38
C LYS B 182 12.07 -42.60 -8.18
N GLY B 183 12.60 -41.87 -9.14
CA GLY B 183 13.99 -41.43 -9.09
C GLY B 183 14.31 -40.28 -8.14
N ASN B 184 13.29 -39.73 -7.47
CA ASN B 184 13.47 -38.55 -6.63
C ASN B 184 13.19 -38.78 -5.15
N LYS B 185 12.97 -40.02 -4.76
CA LYS B 185 12.58 -40.30 -3.39
C LYS B 185 13.68 -39.99 -2.37
N LYS B 186 14.91 -39.81 -2.82
CA LYS B 186 16.00 -39.44 -1.92
C LYS B 186 16.55 -38.07 -2.30
N ASN B 187 15.74 -37.29 -3.02
CA ASN B 187 16.16 -35.95 -3.44
C ASN B 187 15.33 -34.86 -2.78
N ALA B 188 15.91 -33.67 -2.67
CA ALA B 188 15.21 -32.54 -2.06
C ALA B 188 13.85 -32.30 -2.74
N GLY B 189 12.81 -32.16 -1.92
CA GLY B 189 11.48 -31.94 -2.41
C GLY B 189 10.59 -33.17 -2.54
N PHE B 190 11.16 -34.37 -2.49
CA PHE B 190 10.32 -35.55 -2.50
C PHE B 190 10.79 -36.62 -1.51
N THR B 191 11.48 -36.19 -0.46
CA THR B 191 11.86 -37.12 0.62
C THR B 191 10.63 -37.49 1.39
N PRO B 192 10.64 -38.67 2.01
CA PRO B 192 9.55 -39.04 2.92
C PRO B 192 9.29 -38.01 4.00
N GLN B 193 10.36 -37.47 4.52
CA GLN B 193 10.27 -36.46 5.56
C GLN B 193 9.54 -35.19 5.10
N GLU B 194 9.95 -34.65 3.95
CA GLU B 194 9.29 -33.44 3.46
C GLU B 194 7.81 -33.70 3.12
N ARG B 195 7.53 -34.85 2.51
CA ARG B 195 6.15 -35.21 2.19
C ARG B 195 5.30 -35.35 3.44
N GLN B 196 5.87 -35.95 4.49
CA GLN B 196 5.14 -36.09 5.76
C GLN B 196 4.80 -34.73 6.33
N GLY B 197 5.78 -33.82 6.31
CA GLY B 197 5.57 -32.48 6.82
C GLY B 197 4.45 -31.73 6.11
N PHE B 198 4.31 -31.96 4.81
CA PHE B 198 3.26 -31.30 4.05
C PHE B 198 1.91 -31.88 4.48
N GLY B 199 1.85 -33.21 4.61
CA GLY B 199 0.63 -33.84 5.09
C GLY B 199 0.22 -33.32 6.47
N GLU B 200 1.22 -33.13 7.32
CA GLU B 200 1.00 -32.66 8.68
C GLU B 200 0.56 -31.19 8.70
N LEU B 201 1.07 -30.42 7.76
CA LEU B 201 0.65 -29.04 7.60
C LEU B 201 -0.85 -29.03 7.30
N LEU B 202 -1.26 -29.91 6.39
CA LEU B 202 -2.65 -29.94 5.98
C LEU B 202 -3.53 -30.37 7.13
N GLN B 203 -3.09 -31.40 7.86
CA GLN B 203 -3.92 -31.98 8.92
C GLN B 203 -3.99 -31.05 10.12
N ALA B 204 -2.86 -30.50 10.53
CA ALA B 204 -2.76 -29.87 11.84
C ALA B 204 -3.27 -28.45 11.90
N VAL B 205 -3.32 -27.74 10.77
CA VAL B 205 -3.68 -26.34 10.85
C VAL B 205 -5.19 -26.12 11.04
N PRO B 206 -6.06 -26.72 10.22
CA PRO B 206 -5.92 -27.50 9.01
C PRO B 206 -6.00 -26.64 7.75
N LEU B 207 -5.54 -27.19 6.63
CA LEU B 207 -5.56 -26.53 5.34
C LEU B 207 -5.88 -27.53 4.27
N ALA B 208 -6.47 -27.06 3.18
CA ALA B 208 -6.71 -27.85 1.98
C ALA B 208 -5.86 -27.33 0.81
N ASP B 209 -5.35 -28.24 -0.01
CA ASP B 209 -4.59 -27.93 -1.23
C ASP B 209 -5.59 -27.50 -2.31
N SER B 210 -5.67 -26.21 -2.61
CA SER B 210 -6.74 -25.73 -3.50
C SER B 210 -6.73 -26.39 -4.87
N PHE B 211 -5.57 -26.51 -5.50
CA PHE B 211 -5.52 -27.07 -6.85
C PHE B 211 -5.92 -28.53 -6.82
N ARG B 212 -5.39 -29.28 -5.85
CA ARG B 212 -5.66 -30.71 -5.85
C ARG B 212 -7.10 -30.99 -5.46
N HIS B 213 -7.65 -30.15 -4.60
CA HIS B 213 -9.06 -30.21 -4.27
C HIS B 213 -9.95 -30.14 -5.51
N LEU B 214 -9.65 -29.22 -6.41
CA LEU B 214 -10.42 -29.04 -7.65
C LEU B 214 -10.08 -30.04 -8.74
N TYR B 215 -8.84 -30.49 -8.74
CA TYR B 215 -8.30 -31.31 -9.83
C TYR B 215 -7.58 -32.52 -9.23
N PRO B 216 -8.32 -33.37 -8.49
CA PRO B 216 -7.74 -34.49 -7.75
C PRO B 216 -6.98 -35.51 -8.60
N ASN B 217 -7.38 -35.67 -9.85
CA ASN B 217 -6.84 -36.72 -10.72
C ASN B 217 -6.06 -36.22 -11.91
N THR B 218 -5.69 -34.95 -11.86
CA THR B 218 -5.02 -34.36 -12.99
C THR B 218 -3.52 -34.48 -12.85
N PRO B 219 -2.87 -35.26 -13.73
CA PRO B 219 -1.42 -35.41 -13.73
C PRO B 219 -0.70 -34.39 -14.61
N TYR B 220 0.62 -34.34 -14.51
CA TYR B 220 1.49 -33.55 -15.37
C TYR B 220 1.32 -32.02 -15.18
N ALA B 221 0.75 -31.65 -14.05
CA ALA B 221 0.54 -30.25 -13.67
C ALA B 221 1.64 -29.82 -12.70
N TYR B 222 2.62 -29.11 -13.21
CA TYR B 222 3.81 -28.69 -12.47
C TYR B 222 3.96 -27.17 -12.46
N THR B 223 4.81 -26.68 -11.55
CA THR B 223 5.08 -25.24 -11.41
C THR B 223 6.56 -24.94 -11.44
N PHE B 224 7.37 -25.99 -11.50
CA PHE B 224 8.83 -25.86 -11.52
C PHE B 224 9.41 -26.85 -12.50
N TRP B 225 10.45 -26.43 -13.22
CA TRP B 225 11.21 -27.29 -14.10
C TRP B 225 12.65 -26.87 -14.05
N THR B 226 13.59 -27.80 -13.89
CA THR B 226 14.98 -27.39 -13.87
C THR B 226 15.28 -26.70 -15.19
N TYR B 227 16.08 -25.64 -15.11
CA TYR B 227 16.56 -24.97 -16.31
C TYR B 227 17.29 -25.94 -17.23
N MET B 228 17.90 -26.97 -16.65
CA MET B 228 18.75 -27.88 -17.42
C MET B 228 17.96 -28.92 -18.20
N MET B 229 18.61 -29.51 -19.20
CA MET B 229 18.09 -30.69 -19.90
C MET B 229 16.77 -30.41 -20.61
N ASN B 230 16.53 -29.15 -20.97
CA ASN B 230 15.29 -28.79 -21.66
C ASN B 230 14.09 -29.30 -20.90
N ALA B 231 14.17 -29.32 -19.57
CA ALA B 231 13.12 -29.96 -18.80
C ALA B 231 11.76 -29.32 -19.03
N ARG B 232 11.70 -27.99 -19.11
CA ARG B 232 10.41 -27.32 -19.22
C ARG B 232 9.74 -27.67 -20.55
N SER B 233 10.52 -27.71 -21.63
CA SER B 233 9.95 -28.04 -22.94
C SER B 233 9.44 -29.47 -22.95
N LYS B 234 10.03 -30.35 -22.14
CA LYS B 234 9.56 -31.73 -22.06
C LYS B 234 8.50 -31.95 -20.96
N ASN B 235 8.16 -30.86 -20.26
CA ASN B 235 7.34 -30.87 -19.07
C ASN B 235 7.81 -31.89 -18.03
N VAL B 236 9.12 -31.94 -17.79
CA VAL B 236 9.64 -32.76 -16.70
C VAL B 236 9.74 -31.83 -15.51
N GLY B 237 8.71 -31.83 -14.68
CA GLY B 237 8.65 -30.86 -13.62
C GLY B 237 8.09 -31.38 -12.32
N TRP B 238 7.95 -30.43 -11.40
CA TRP B 238 7.44 -30.61 -10.04
C TRP B 238 6.38 -29.56 -9.73
N ARG B 239 5.37 -29.94 -8.96
CA ARG B 239 4.44 -28.96 -8.41
C ARG B 239 4.90 -28.60 -7.01
N LEU B 240 5.52 -27.44 -6.90
CA LEU B 240 6.18 -27.00 -5.67
C LEU B 240 5.48 -25.78 -5.07
N ASP B 241 4.66 -25.15 -5.90
CA ASP B 241 4.00 -23.93 -5.55
C ASP B 241 2.48 -24.14 -5.37
N TYR B 242 1.96 -23.67 -4.26
CA TYR B 242 0.61 -23.97 -3.81
C TYR B 242 -0.15 -22.76 -3.30
N PHE B 243 -1.48 -22.87 -3.35
CA PHE B 243 -2.40 -22.14 -2.50
C PHE B 243 -3.07 -23.13 -1.55
N LEU B 244 -2.77 -23.04 -0.27
CA LEU B 244 -3.47 -23.82 0.75
C LEU B 244 -4.45 -22.91 1.47
N LEU B 245 -5.65 -23.44 1.75
CA LEU B 245 -6.76 -22.65 2.31
C LEU B 245 -7.37 -23.30 3.48
N SER B 246 -7.78 -22.51 4.47
CA SER B 246 -8.66 -23.06 5.52
C SER B 246 -9.87 -23.73 4.90
N HIS B 247 -10.36 -24.80 5.54
N HIS B 247 -10.35 -24.80 5.54
CA HIS B 247 -11.51 -25.52 5.01
CA HIS B 247 -11.55 -25.51 5.09
C HIS B 247 -12.72 -24.58 4.89
C HIS B 247 -12.70 -24.54 4.87
N SER B 248 -12.78 -23.54 5.73
CA SER B 248 -13.91 -22.64 5.75
C SER B 248 -13.96 -21.75 4.50
N LEU B 249 -12.86 -21.72 3.75
CA LEU B 249 -12.79 -20.94 2.53
C LEU B 249 -13.12 -21.75 1.29
N LEU B 250 -13.31 -23.05 1.41
CA LEU B 250 -13.54 -23.86 0.21
C LEU B 250 -14.82 -23.43 -0.53
N PRO B 251 -15.86 -23.01 0.21
CA PRO B 251 -17.04 -22.54 -0.53
C PRO B 251 -16.77 -21.28 -1.33
N ALA B 252 -15.75 -20.52 -0.94
CA ALA B 252 -15.38 -19.30 -1.66
C ALA B 252 -14.45 -19.57 -2.85
N LEU B 253 -13.89 -20.77 -2.92
CA LEU B 253 -12.95 -21.13 -3.97
C LEU B 253 -13.60 -21.25 -5.34
N CYS B 254 -13.13 -20.45 -6.29
CA CYS B 254 -13.57 -20.50 -7.68
C CYS B 254 -12.61 -21.31 -8.55
N ASP B 255 -11.31 -21.05 -8.42
CA ASP B 255 -10.34 -21.77 -9.20
C ASP B 255 -8.94 -21.54 -8.64
N SER B 256 -8.05 -22.44 -9.05
CA SER B 256 -6.64 -22.42 -8.69
C SER B 256 -5.87 -22.78 -9.94
N LYS B 257 -5.12 -21.81 -10.48
CA LYS B 257 -4.52 -21.93 -11.80
C LYS B 257 -3.01 -22.14 -11.77
N ILE B 258 -2.51 -22.76 -12.81
CA ILE B 258 -1.09 -22.90 -13.03
C ILE B 258 -0.83 -22.24 -14.36
N ARG B 259 -0.09 -21.14 -14.35
CA ARG B 259 0.10 -20.35 -15.57
C ARG B 259 1.33 -20.81 -16.35
N SER B 260 1.20 -21.99 -16.95
CA SER B 260 2.37 -22.71 -17.47
C SER B 260 3.20 -21.98 -18.49
N LYS B 261 2.58 -21.08 -19.27
CA LYS B 261 3.23 -20.44 -20.40
C LYS B 261 4.00 -19.18 -20.02
N ALA B 262 3.75 -18.69 -18.81
CA ALA B 262 4.41 -17.48 -18.34
C ALA B 262 5.88 -17.72 -18.02
N LEU B 263 6.75 -17.08 -18.79
CA LEU B 263 8.19 -17.27 -18.67
C LEU B 263 8.83 -16.23 -17.75
N GLY B 264 10.12 -16.41 -17.47
CA GLY B 264 10.89 -15.46 -16.67
C GLY B 264 11.56 -16.04 -15.44
N SER B 265 11.32 -17.33 -15.18
CA SER B 265 11.84 -18.02 -14.01
C SER B 265 11.90 -19.50 -14.31
N ASP B 266 12.45 -20.31 -13.41
CA ASP B 266 12.27 -21.76 -13.52
C ASP B 266 11.01 -22.24 -12.79
N HIS B 267 10.31 -21.32 -12.14
CA HIS B 267 8.91 -21.55 -11.73
C HIS B 267 7.98 -20.73 -12.58
N CYS B 268 6.76 -21.22 -12.73
CA CYS B 268 5.70 -20.42 -13.34
C CYS B 268 4.78 -19.84 -12.26
N PRO B 269 4.00 -18.81 -12.61
CA PRO B 269 3.04 -18.25 -11.67
C PRO B 269 1.90 -19.20 -11.37
N ILE B 270 1.30 -19.04 -10.20
CA ILE B 270 0.00 -19.65 -9.89
C ILE B 270 -1.00 -18.55 -9.46
N THR B 271 -2.28 -18.78 -9.74
CA THR B 271 -3.32 -17.81 -9.45
C THR B 271 -4.53 -18.43 -8.78
N LEU B 272 -5.00 -17.72 -7.75
CA LEU B 272 -6.15 -18.11 -6.96
C LEU B 272 -7.29 -17.11 -7.20
N TYR B 273 -8.48 -17.62 -7.48
CA TYR B 273 -9.71 -16.84 -7.48
C TYR B 273 -10.60 -17.24 -6.33
N LEU B 274 -10.98 -16.26 -5.52
CA LEU B 274 -11.89 -16.46 -4.41
C LEU B 274 -13.09 -15.53 -4.52
N ALA B 275 -14.25 -16.01 -4.07
CA ALA B 275 -15.45 -15.19 -4.00
C ALA B 275 -15.71 -14.84 -2.57
N LEU B 276 -15.29 -13.64 -2.17
CA LEU B 276 -15.41 -13.19 -0.79
C LEU B 276 -16.43 -12.07 -0.66
#